data_8U8M
#
_entry.id   8U8M
#
_cell.length_a   76.842
_cell.length_b   59.965
_cell.length_c   151.966
_cell.angle_alpha   90.000
_cell.angle_beta   101.823
_cell.angle_gamma   90.000
#
_symmetry.space_group_name_H-M   'C 1 2 1'
#
loop_
_entity.id
_entity.type
_entity.pdbx_description
1 polymer 'Double-strand telomeric DNA-binding proteins 1'
2 non-polymer 'COBALT (II) ION'
3 water water
#
_entity_poly.entity_id   1
_entity_poly.type   'polypeptide(L)'
_entity_poly.pdbx_seq_one_letter_code
;SDVEISDSFEKAMWNHVSQNAARLTGKFLMTEQFWAELLQSQPNIPIKSAHIVLHHFNEMMLENLWKQAMDPDAKLQILK
DLSVPLSYHQRKWILDNDRLDVALSLDGYVVSWDIVR
;
_entity_poly.pdbx_strand_id   A,B,C,D
#
loop_
_chem_comp.id
_chem_comp.type
_chem_comp.name
_chem_comp.formula
CO non-polymer 'COBALT (II) ION' 'Co 2'
#
# COMPACT_ATOMS: atom_id res chain seq x y z
N SER A 1 -5.70 3.01 4.74
CA SER A 1 -5.95 3.43 6.10
C SER A 1 -5.02 4.57 6.50
N ASP A 2 -5.47 5.43 7.41
CA ASP A 2 -4.66 6.53 7.91
C ASP A 2 -3.90 6.12 9.18
N VAL A 3 -3.26 4.95 9.13
CA VAL A 3 -2.61 4.36 10.29
C VAL A 3 -1.11 4.58 10.18
N GLU A 4 -0.49 4.97 11.29
CA GLU A 4 0.96 5.16 11.38
C GLU A 4 1.46 4.33 12.55
N ILE A 5 2.10 3.21 12.27
CA ILE A 5 2.62 2.33 13.30
C ILE A 5 4.08 2.69 13.56
N SER A 6 4.42 2.94 14.81
CA SER A 6 5.80 3.25 15.16
C SER A 6 6.68 2.02 14.98
N ASP A 7 7.96 2.26 14.66
CA ASP A 7 8.90 1.17 14.45
C ASP A 7 9.03 0.31 15.70
N SER A 8 8.94 0.91 16.89
CA SER A 8 8.96 0.13 18.12
C SER A 8 7.78 -0.83 18.17
N PHE A 9 6.59 -0.37 17.75
CA PHE A 9 5.44 -1.25 17.78
C PHE A 9 5.54 -2.33 16.70
N GLU A 10 6.14 -2.02 15.55
CA GLU A 10 6.37 -3.06 14.56
C GLU A 10 7.31 -4.12 15.11
N LYS A 11 8.38 -3.70 15.78
CA LYS A 11 9.29 -4.66 16.41
C LYS A 11 8.56 -5.49 17.46
N ALA A 12 7.67 -4.85 18.23
CA ALA A 12 6.88 -5.58 19.21
C ALA A 12 5.94 -6.58 18.54
N MET A 13 5.37 -6.21 17.39
CA MET A 13 4.51 -7.15 16.66
C MET A 13 5.30 -8.34 16.15
N TRP A 14 6.51 -8.11 15.64
CA TRP A 14 7.33 -9.22 15.20
C TRP A 14 7.73 -10.12 16.37
N ASN A 15 8.14 -9.52 17.49
CA ASN A 15 8.43 -10.31 18.68
C ASN A 15 7.20 -11.10 19.12
N HIS A 16 6.01 -10.50 19.00
CA HIS A 16 4.78 -11.19 19.35
C HIS A 16 4.52 -12.38 18.44
N VAL A 17 4.85 -12.23 17.15
CA VAL A 17 4.73 -13.34 16.21
C VAL A 17 5.75 -14.43 16.52
N SER A 18 6.99 -14.03 16.82
CA SER A 18 8.08 -14.98 17.00
C SER A 18 7.90 -15.80 18.28
N GLN A 19 7.60 -15.13 19.39
CA GLN A 19 7.51 -15.84 20.66
C GLN A 19 6.25 -16.69 20.76
N ASN A 20 5.26 -16.45 19.90
CA ASN A 20 4.08 -17.29 19.81
C ASN A 20 4.10 -18.20 18.59
N ALA A 21 5.29 -18.42 18.00
CA ALA A 21 5.37 -19.21 16.79
C ALA A 21 4.94 -20.65 17.02
N ALA A 22 5.11 -21.16 18.24
CA ALA A 22 4.70 -22.54 18.51
C ALA A 22 3.18 -22.70 18.51
N ARG A 23 2.42 -21.61 18.68
CA ARG A 23 0.97 -21.67 18.66
C ARG A 23 0.36 -20.86 17.54
N LEU A 24 1.08 -20.66 16.44
CA LEU A 24 0.61 -19.82 15.34
C LEU A 24 0.34 -20.68 14.11
N THR A 25 -0.94 -20.90 13.81
CA THR A 25 -1.31 -21.43 12.52
C THR A 25 -1.53 -20.28 11.54
N GLY A 26 -1.97 -20.62 10.32
CA GLY A 26 -2.26 -19.59 9.35
C GLY A 26 -3.50 -18.79 9.71
N LYS A 27 -4.56 -19.48 10.14
CA LYS A 27 -5.80 -18.78 10.47
C LYS A 27 -5.63 -17.92 11.72
N PHE A 28 -4.99 -18.47 12.75
CA PHE A 28 -4.90 -17.76 14.03
C PHE A 28 -4.10 -16.47 13.90
N LEU A 29 -3.04 -16.48 13.09
CA LEU A 29 -2.30 -15.25 12.85
C LEU A 29 -3.19 -14.17 12.26
N MET A 30 -4.11 -14.54 11.38
CA MET A 30 -5.01 -13.60 10.72
C MET A 30 -6.29 -13.36 11.51
N THR A 31 -6.33 -13.74 12.79
CA THR A 31 -7.47 -13.47 13.64
C THR A 31 -7.23 -12.19 14.43
N GLU A 32 -8.30 -11.41 14.63
CA GLU A 32 -8.19 -10.23 15.48
C GLU A 32 -7.88 -10.61 16.93
N GLN A 33 -8.21 -11.83 17.33
CA GLN A 33 -7.97 -12.25 18.70
C GLN A 33 -6.48 -12.27 19.03
N PHE A 34 -5.65 -12.67 18.08
CA PHE A 34 -4.21 -12.78 18.32
C PHE A 34 -3.59 -11.40 18.55
N TRP A 35 -3.93 -10.43 17.71
CA TRP A 35 -3.42 -9.08 17.91
C TRP A 35 -4.07 -8.40 19.12
N ALA A 36 -5.34 -8.72 19.43
CA ALA A 36 -5.94 -8.23 20.66
C ALA A 36 -5.21 -8.77 21.88
N GLU A 37 -4.72 -10.02 21.79
CA GLU A 37 -3.89 -10.57 22.84
C GLU A 37 -2.59 -9.81 22.98
N LEU A 38 -1.98 -9.43 21.85
CA LEU A 38 -0.81 -8.55 21.91
C LEU A 38 -1.15 -7.25 22.63
N LEU A 39 -2.25 -6.60 22.24
CA LEU A 39 -2.60 -5.29 22.78
C LEU A 39 -2.90 -5.35 24.26
N GLN A 40 -3.58 -6.41 24.72
CA GLN A 40 -3.87 -6.56 26.14
C GLN A 40 -2.60 -6.69 26.98
N SER A 41 -1.49 -7.05 26.37
CA SER A 41 -0.27 -7.31 27.14
C SER A 41 0.33 -6.02 27.68
N GLN A 42 0.32 -4.95 26.90
CA GLN A 42 0.93 -3.71 27.34
C GLN A 42 -0.13 -2.64 27.55
N PRO A 43 -0.48 -2.31 28.81
CA PRO A 43 -1.31 -1.13 29.04
C PRO A 43 -0.54 0.15 28.74
N ASN A 44 -1.13 1.31 29.06
CA ASN A 44 -0.52 2.61 28.77
C ASN A 44 -0.27 2.78 27.27
N ILE A 45 -1.17 2.24 26.46
CA ILE A 45 -1.23 2.51 25.03
C ILE A 45 -2.49 3.33 24.77
N PRO A 46 -2.39 4.55 24.26
CA PRO A 46 -3.58 5.41 24.20
C PRO A 46 -4.64 4.92 23.22
N ILE A 47 -4.24 4.27 22.13
CA ILE A 47 -5.17 3.83 21.10
C ILE A 47 -4.89 2.35 20.81
N LYS A 48 -5.87 1.50 21.11
CA LYS A 48 -5.80 0.06 20.90
C LYS A 48 -6.94 -0.36 19.98
N SER A 49 -6.60 -0.90 18.80
CA SER A 49 -7.58 -1.53 17.92
C SER A 49 -6.96 -2.77 17.31
N ALA A 50 -7.51 -3.94 17.66
CA ALA A 50 -7.01 -5.18 17.08
C ALA A 50 -7.27 -5.26 15.59
N HIS A 51 -8.41 -4.71 15.15
CA HIS A 51 -8.71 -4.66 13.72
C HIS A 51 -7.64 -3.88 12.96
N ILE A 52 -7.25 -2.72 13.48
CA ILE A 52 -6.24 -1.90 12.82
C ILE A 52 -4.90 -2.61 12.80
N VAL A 53 -4.54 -3.26 13.90
CA VAL A 53 -3.25 -3.97 13.96
C VAL A 53 -3.23 -5.13 12.97
N LEU A 54 -4.33 -5.89 12.89
CA LEU A 54 -4.40 -6.99 11.95
C LEU A 54 -4.29 -6.49 10.51
N HIS A 55 -5.00 -5.42 10.20
CA HIS A 55 -4.90 -4.84 8.86
C HIS A 55 -3.47 -4.40 8.55
N HIS A 56 -2.80 -3.77 9.51
CA HIS A 56 -1.45 -3.31 9.26
C HIS A 56 -0.51 -4.49 9.03
N PHE A 57 -0.64 -5.55 9.83
CA PHE A 57 0.22 -6.70 9.64
C PHE A 57 -0.03 -7.34 8.28
N ASN A 58 -1.29 -7.47 7.88
CA ASN A 58 -1.59 -8.10 6.61
C ASN A 58 -1.16 -7.26 5.42
N GLU A 59 -1.13 -5.94 5.56
CA GLU A 59 -0.85 -5.07 4.42
C GLU A 59 0.60 -4.62 4.32
N MET A 60 1.33 -4.57 5.44
CA MET A 60 2.68 -3.99 5.47
C MET A 60 3.75 -4.91 6.06
N MET A 61 3.41 -6.04 6.67
CA MET A 61 4.38 -6.89 7.35
C MET A 61 4.36 -8.33 6.90
N LEU A 62 3.29 -8.83 6.28
CA LEU A 62 3.27 -10.24 5.91
C LEU A 62 4.20 -10.51 4.74
N GLU A 63 4.46 -9.48 3.93
CA GLU A 63 5.39 -9.62 2.81
C GLU A 63 6.80 -9.93 3.30
N ASN A 64 7.15 -9.48 4.50
CA ASN A 64 8.50 -9.63 5.05
C ASN A 64 8.58 -10.74 6.08
N LEU A 65 7.65 -11.70 6.05
CA LEU A 65 7.65 -12.76 7.06
C LEU A 65 8.84 -13.69 6.91
N TRP A 66 9.33 -13.86 5.68
CA TRP A 66 10.35 -14.86 5.40
C TRP A 66 11.65 -14.57 6.13
N LYS A 67 12.04 -13.28 6.22
CA LYS A 67 13.33 -12.92 6.76
C LYS A 67 13.33 -12.71 8.28
N GLN A 68 12.24 -13.08 8.95
CA GLN A 68 12.10 -12.80 10.38
C GLN A 68 12.77 -13.88 11.23
N ALA A 69 13.45 -13.43 12.28
CA ALA A 69 14.08 -14.32 13.26
C ALA A 69 13.00 -15.12 13.96
N MET A 70 12.68 -16.30 13.43
CA MET A 70 11.50 -17.04 13.84
C MET A 70 11.75 -18.53 13.64
N ASP A 71 10.97 -19.34 14.36
CA ASP A 71 11.02 -20.78 14.20
C ASP A 71 10.80 -21.13 12.73
N PRO A 72 11.74 -21.81 12.08
CA PRO A 72 11.62 -22.05 10.63
C PRO A 72 10.41 -22.90 10.25
N ASP A 73 10.16 -23.98 10.99
CA ASP A 73 9.01 -24.83 10.69
C ASP A 73 7.72 -24.03 10.72
N ALA A 74 7.50 -23.26 11.79
CA ALA A 74 6.28 -22.47 11.91
C ALA A 74 6.22 -21.37 10.86
N LYS A 75 7.38 -20.75 10.57
CA LYS A 75 7.44 -19.74 9.51
C LYS A 75 6.95 -20.30 8.18
N LEU A 76 7.51 -21.45 7.77
CA LEU A 76 7.14 -22.04 6.50
C LEU A 76 5.71 -22.57 6.51
N GLN A 77 5.26 -23.08 7.65
CA GLN A 77 3.89 -23.57 7.73
C GLN A 77 2.90 -22.43 7.59
N ILE A 78 3.21 -21.26 8.16
CA ILE A 78 2.38 -20.08 7.96
C ILE A 78 2.41 -19.64 6.51
N LEU A 79 3.62 -19.57 5.92
CA LEU A 79 3.73 -19.19 4.52
C LEU A 79 2.91 -20.11 3.62
N LYS A 80 2.86 -21.40 3.95
CA LYS A 80 2.07 -22.36 3.20
C LYS A 80 0.57 -22.15 3.42
N ASP A 81 0.15 -22.03 4.69
CA ASP A 81 -1.27 -21.94 5.00
C ASP A 81 -1.92 -20.74 4.32
N LEU A 82 -1.24 -19.60 4.35
CA LEU A 82 -1.76 -18.37 3.79
C LEU A 82 -1.47 -18.22 2.30
N SER A 83 -0.84 -19.23 1.68
CA SER A 83 -0.50 -19.19 0.26
C SER A 83 0.29 -17.93 -0.08
N VAL A 84 1.35 -17.68 0.69
CA VAL A 84 2.27 -16.58 0.43
C VAL A 84 3.37 -17.11 -0.48
N PRO A 85 3.56 -16.55 -1.67
CA PRO A 85 4.59 -17.06 -2.57
C PRO A 85 5.99 -16.62 -2.14
N LEU A 86 6.95 -17.49 -2.38
CA LEU A 86 8.36 -17.22 -2.12
C LEU A 86 9.07 -16.97 -3.44
N SER A 87 9.78 -15.84 -3.51
CA SER A 87 10.64 -15.61 -4.66
C SER A 87 11.90 -16.46 -4.54
N TYR A 88 12.70 -16.47 -5.60
CA TYR A 88 13.94 -17.24 -5.58
C TYR A 88 14.91 -16.66 -4.56
N HIS A 89 15.01 -15.34 -4.48
CA HIS A 89 15.91 -14.71 -3.52
C HIS A 89 15.53 -15.08 -2.09
N GLN A 90 14.24 -15.01 -1.77
CA GLN A 90 13.80 -15.36 -0.42
C GLN A 90 13.99 -16.85 -0.16
N ARG A 91 13.75 -17.67 -1.17
CA ARG A 91 14.00 -19.10 -1.05
C ARG A 91 15.44 -19.38 -0.66
N LYS A 92 16.39 -18.77 -1.39
CA LYS A 92 17.80 -19.00 -1.08
C LYS A 92 18.20 -18.38 0.25
N TRP A 93 17.55 -17.27 0.64
CA TRP A 93 17.80 -16.71 1.96
C TRP A 93 17.41 -17.71 3.05
N ILE A 94 16.23 -18.31 2.91
CA ILE A 94 15.80 -19.34 3.85
C ILE A 94 16.78 -20.49 3.86
N LEU A 95 17.23 -20.91 2.68
CA LEU A 95 18.23 -21.98 2.61
C LEU A 95 19.49 -21.62 3.38
N ASP A 96 19.98 -20.40 3.18
CA ASP A 96 21.28 -20.02 3.71
C ASP A 96 21.24 -19.69 5.19
N ASN A 97 20.09 -19.28 5.72
CA ASN A 97 19.98 -18.90 7.12
C ASN A 97 19.25 -19.92 7.98
N ASP A 98 18.06 -20.36 7.58
CA ASP A 98 17.36 -21.40 8.31
C ASP A 98 17.80 -22.80 7.91
N ARG A 99 18.63 -22.92 6.87
CA ARG A 99 19.12 -24.22 6.37
C ARG A 99 17.96 -25.17 6.06
N LEU A 100 17.06 -24.70 5.19
CA LEU A 100 15.92 -25.46 4.71
C LEU A 100 15.79 -25.27 3.21
N ASP A 101 15.81 -26.37 2.46
CA ASP A 101 15.50 -26.36 1.04
C ASP A 101 13.98 -26.47 0.90
N VAL A 102 13.37 -25.45 0.31
CA VAL A 102 11.92 -25.36 0.23
C VAL A 102 11.49 -25.77 -1.17
N ALA A 103 10.62 -26.77 -1.24
CA ALA A 103 9.99 -27.19 -2.49
C ALA A 103 8.72 -26.39 -2.70
N LEU A 104 8.70 -25.60 -3.77
CA LEU A 104 7.61 -24.71 -4.13
C LEU A 104 6.88 -25.23 -5.35
N SER A 105 5.61 -24.86 -5.47
CA SER A 105 4.81 -25.18 -6.64
C SER A 105 5.13 -24.21 -7.76
N LEU A 106 4.43 -24.37 -8.89
CA LEU A 106 4.65 -23.48 -10.02
C LEU A 106 4.32 -22.03 -9.67
N ASP A 107 3.23 -21.82 -8.94
CA ASP A 107 2.80 -20.47 -8.59
C ASP A 107 3.67 -19.85 -7.50
N GLY A 108 4.65 -20.57 -6.96
CA GLY A 108 5.49 -20.06 -5.91
C GLY A 108 5.01 -20.36 -4.50
N TYR A 109 3.95 -21.16 -4.35
CA TYR A 109 3.42 -21.48 -3.03
C TYR A 109 4.28 -22.54 -2.36
N VAL A 110 4.43 -22.42 -1.04
CA VAL A 110 5.22 -23.38 -0.29
C VAL A 110 4.49 -24.72 -0.26
N VAL A 111 5.15 -25.76 -0.74
CA VAL A 111 4.62 -27.10 -0.69
C VAL A 111 5.27 -27.92 0.42
N SER A 112 6.59 -27.90 0.49
CA SER A 112 7.26 -28.66 1.54
C SER A 112 8.65 -28.08 1.76
N TRP A 113 9.40 -28.69 2.68
CA TRP A 113 10.76 -28.26 2.96
C TRP A 113 11.52 -29.41 3.62
N ASP A 114 12.83 -29.45 3.36
CA ASP A 114 13.69 -30.48 3.94
C ASP A 114 15.00 -29.86 4.41
N ILE A 115 15.70 -30.60 5.27
CA ILE A 115 16.94 -30.15 5.88
C ILE A 115 18.06 -30.16 4.85
N VAL A 116 19.16 -29.48 5.13
CA VAL A 116 20.32 -29.47 4.24
C VAL A 116 21.55 -29.93 5.02
N SER B 1 -16.50 -2.76 16.18
CA SER B 1 -15.50 -1.72 16.45
C SER B 1 -14.80 -1.97 17.79
N ASP B 2 -13.63 -2.61 17.71
CA ASP B 2 -12.81 -2.88 18.90
C ASP B 2 -11.78 -1.78 19.02
N VAL B 3 -12.13 -0.73 19.76
CA VAL B 3 -11.25 0.42 19.96
C VAL B 3 -11.23 0.75 21.45
N GLU B 4 -10.03 0.94 21.99
CA GLU B 4 -9.84 1.25 23.41
C GLU B 4 -8.99 2.52 23.50
N ILE B 5 -9.64 3.64 23.83
CA ILE B 5 -8.98 4.93 23.99
C ILE B 5 -8.71 5.17 25.47
N SER B 6 -7.48 5.54 25.81
CA SER B 6 -7.13 5.78 27.20
C SER B 6 -7.73 7.09 27.69
N ASP B 7 -7.99 7.15 28.99
CA ASP B 7 -8.55 8.36 29.59
C ASP B 7 -7.63 9.56 29.39
N SER B 8 -6.32 9.35 29.42
CA SER B 8 -5.40 10.46 29.14
C SER B 8 -5.57 10.97 27.72
N PHE B 9 -5.84 10.06 26.78
CA PHE B 9 -6.05 10.51 25.41
C PHE B 9 -7.41 11.20 25.25
N GLU B 10 -8.42 10.76 26.00
CA GLU B 10 -9.68 11.50 26.02
C GLU B 10 -9.48 12.92 26.54
N LYS B 11 -8.70 13.07 27.62
CA LYS B 11 -8.43 14.40 28.15
C LYS B 11 -7.67 15.24 27.13
N ALA B 12 -6.69 14.64 26.45
CA ALA B 12 -5.98 15.36 25.40
C ALA B 12 -6.92 15.78 24.27
N MET B 13 -7.88 14.93 23.92
CA MET B 13 -8.85 15.29 22.89
C MET B 13 -9.73 16.46 23.34
N TRP B 14 -10.20 16.43 24.59
CA TRP B 14 -11.02 17.52 25.09
C TRP B 14 -10.22 18.83 25.13
N ASN B 15 -8.94 18.75 25.50
CA ASN B 15 -8.09 19.94 25.47
C ASN B 15 -7.88 20.43 24.04
N HIS B 16 -7.74 19.49 23.10
CA HIS B 16 -7.58 19.86 21.69
C HIS B 16 -8.84 20.54 21.15
N VAL B 17 -10.01 20.13 21.63
CA VAL B 17 -11.24 20.81 21.25
C VAL B 17 -11.31 22.19 21.90
N SER B 18 -10.95 22.28 23.18
CA SER B 18 -11.11 23.54 23.91
C SER B 18 -10.18 24.62 23.37
N GLN B 19 -8.92 24.27 23.12
CA GLN B 19 -7.96 25.28 22.67
C GLN B 19 -8.31 25.83 21.29
N ASN B 20 -9.00 25.05 20.46
CA ASN B 20 -9.39 25.48 19.13
C ASN B 20 -10.86 25.84 19.03
N ALA B 21 -11.48 26.20 20.16
CA ALA B 21 -12.91 26.54 20.15
C ALA B 21 -13.20 27.75 19.28
N ALA B 22 -12.28 28.70 19.20
CA ALA B 22 -12.52 29.91 18.40
C ALA B 22 -12.56 29.60 16.91
N ARG B 23 -11.97 28.50 16.47
CA ARG B 23 -11.88 28.16 15.05
C ARG B 23 -12.61 26.88 14.69
N LEU B 24 -13.43 26.35 15.59
CA LEU B 24 -14.11 25.07 15.40
C LEU B 24 -15.57 25.30 15.03
N THR B 25 -15.90 25.09 13.77
CA THR B 25 -17.30 24.94 13.39
C THR B 25 -17.73 23.50 13.61
N GLY B 26 -19.02 23.23 13.39
CA GLY B 26 -19.50 21.86 13.53
C GLY B 26 -18.93 20.93 12.48
N LYS B 27 -18.90 21.38 11.22
CA LYS B 27 -18.41 20.54 10.13
C LYS B 27 -16.94 20.21 10.32
N PHE B 28 -16.13 21.22 10.65
CA PHE B 28 -14.70 21.00 10.81
C PHE B 28 -14.40 20.11 12.01
N LEU B 29 -15.19 20.24 13.08
CA LEU B 29 -14.98 19.38 14.25
C LEU B 29 -15.14 17.91 13.91
N MET B 30 -15.94 17.60 12.88
CA MET B 30 -16.22 16.23 12.49
C MET B 30 -15.38 15.77 11.30
N THR B 31 -14.35 16.52 10.93
CA THR B 31 -13.44 16.10 9.88
C THR B 31 -12.25 15.35 10.47
N GLU B 32 -11.76 14.36 9.71
CA GLU B 32 -10.62 13.58 10.18
C GLU B 32 -9.38 14.45 10.32
N GLN B 33 -9.28 15.53 9.53
CA GLN B 33 -8.07 16.34 9.53
C GLN B 33 -7.90 17.10 10.84
N PHE B 34 -9.01 17.56 11.42
CA PHE B 34 -8.90 18.27 12.70
C PHE B 34 -8.30 17.37 13.77
N TRP B 35 -8.66 16.09 13.77
CA TRP B 35 -8.08 15.16 14.74
C TRP B 35 -6.69 14.70 14.34
N ALA B 36 -6.41 14.64 13.03
CA ALA B 36 -5.05 14.35 12.59
C ALA B 36 -4.09 15.44 13.05
N GLU B 37 -4.58 16.68 13.19
CA GLU B 37 -3.79 17.74 13.78
C GLU B 37 -3.38 17.40 15.21
N LEU B 38 -4.29 16.77 15.96
CA LEU B 38 -3.96 16.34 17.32
C LEU B 38 -2.99 15.17 17.30
N LEU B 39 -3.19 14.23 16.36
CA LEU B 39 -2.30 13.08 16.27
C LEU B 39 -0.91 13.51 15.81
N GLN B 40 -0.83 14.43 14.85
CA GLN B 40 0.46 14.96 14.42
C GLN B 40 1.16 15.72 15.55
N SER B 41 0.40 16.20 16.54
CA SER B 41 1.01 17.00 17.60
C SER B 41 1.93 16.16 18.49
N GLN B 42 1.51 14.94 18.80
CA GLN B 42 2.27 14.10 19.74
C GLN B 42 2.90 12.93 19.01
N PRO B 43 4.21 12.92 18.85
CA PRO B 43 4.91 11.69 18.46
C PRO B 43 4.95 10.71 19.62
N ASN B 44 5.63 9.58 19.42
CA ASN B 44 5.71 8.50 20.42
C ASN B 44 4.32 7.95 20.74
N ILE B 45 3.46 7.92 19.74
CA ILE B 45 2.17 7.24 19.81
C ILE B 45 2.25 6.03 18.88
N PRO B 46 2.17 4.79 19.40
CA PRO B 46 2.38 3.63 18.53
C PRO B 46 1.34 3.49 17.44
N ILE B 47 0.09 3.85 17.70
CA ILE B 47 -0.99 3.70 16.73
C ILE B 47 -1.70 5.04 16.61
N LYS B 48 -1.62 5.66 15.42
CA LYS B 48 -2.32 6.91 15.12
C LYS B 48 -3.25 6.68 13.94
N SER B 49 -4.55 6.82 14.17
CA SER B 49 -5.55 6.78 13.11
C SER B 49 -6.57 7.89 13.36
N ALA B 50 -6.58 8.90 12.50
CA ALA B 50 -7.56 9.98 12.64
C ALA B 50 -8.97 9.46 12.44
N HIS B 51 -9.15 8.48 11.56
CA HIS B 51 -10.46 7.85 11.38
C HIS B 51 -10.97 7.28 12.71
N ILE B 52 -10.11 6.58 13.44
CA ILE B 52 -10.52 5.91 14.67
C ILE B 52 -10.79 6.92 15.77
N VAL B 53 -9.97 7.96 15.87
CA VAL B 53 -10.18 9.01 16.86
C VAL B 53 -11.48 9.75 16.59
N LEU B 54 -11.75 10.06 15.32
CA LEU B 54 -13.00 10.73 14.98
C LEU B 54 -14.20 9.86 15.32
N HIS B 55 -14.11 8.56 15.05
CA HIS B 55 -15.19 7.65 15.40
C HIS B 55 -15.39 7.59 16.91
N HIS B 56 -14.30 7.57 17.67
CA HIS B 56 -14.44 7.52 19.12
C HIS B 56 -15.08 8.80 19.65
N PHE B 57 -14.69 9.94 19.08
CA PHE B 57 -15.32 11.20 19.48
C PHE B 57 -16.80 11.20 19.16
N ASN B 58 -17.16 10.74 17.96
CA ASN B 58 -18.56 10.80 17.53
C ASN B 58 -19.41 9.79 18.29
N GLU B 59 -18.83 8.66 18.71
CA GLU B 59 -19.60 7.59 19.33
C GLU B 59 -19.62 7.64 20.84
N MET B 60 -18.62 8.26 21.47
CA MET B 60 -18.45 8.20 22.91
C MET B 60 -18.24 9.55 23.58
N MET B 61 -17.98 10.62 22.84
CA MET B 61 -17.61 11.90 23.43
C MET B 61 -18.48 13.06 23.02
N LEU B 62 -19.16 13.00 21.87
CA LEU B 62 -20.01 14.11 21.46
C LEU B 62 -21.12 14.35 22.48
N GLU B 63 -21.73 13.28 22.98
CA GLU B 63 -22.77 13.40 24.00
C GLU B 63 -22.32 14.20 25.20
N ASN B 64 -21.03 14.17 25.52
CA ASN B 64 -20.49 14.85 26.69
C ASN B 64 -19.96 16.24 26.37
N LEU B 65 -20.35 16.82 25.24
CA LEU B 65 -19.83 18.14 24.87
C LEU B 65 -20.32 19.22 25.81
N TRP B 66 -21.55 19.10 26.31
CA TRP B 66 -22.14 20.16 27.12
C TRP B 66 -21.39 20.36 28.43
N LYS B 67 -20.94 19.28 29.05
CA LYS B 67 -20.28 19.32 30.35
C LYS B 67 -18.85 19.87 30.29
N GLN B 68 -18.37 20.23 29.11
CA GLN B 68 -16.95 20.53 28.93
C GLN B 68 -16.63 21.97 29.30
N ALA B 69 -15.47 22.16 29.93
CA ALA B 69 -15.00 23.49 30.33
C ALA B 69 -14.31 24.13 29.14
N MET B 70 -15.11 24.79 28.30
CA MET B 70 -14.61 25.53 27.16
C MET B 70 -15.48 26.77 26.96
N ASP B 71 -15.22 27.48 25.88
CA ASP B 71 -15.97 28.69 25.58
C ASP B 71 -17.44 28.33 25.33
N PRO B 72 -18.36 28.89 26.12
CA PRO B 72 -19.77 28.44 26.00
C PRO B 72 -20.41 28.82 24.68
N ASP B 73 -20.04 29.97 24.10
CA ASP B 73 -20.57 30.34 22.80
C ASP B 73 -20.16 29.34 21.73
N ALA B 74 -18.87 28.97 21.70
CA ALA B 74 -18.41 27.97 20.75
C ALA B 74 -19.08 26.62 20.99
N LYS B 75 -19.20 26.24 22.27
CA LYS B 75 -19.83 24.97 22.59
C LYS B 75 -21.26 24.91 22.06
N LEU B 76 -22.05 25.95 22.32
CA LEU B 76 -23.44 25.96 21.88
C LEU B 76 -23.55 26.07 20.36
N GLN B 77 -22.64 26.81 19.71
CA GLN B 77 -22.67 26.89 18.26
C GLN B 77 -22.38 25.54 17.64
N ILE B 78 -21.44 24.79 18.22
CA ILE B 78 -21.16 23.44 17.76
C ILE B 78 -22.38 22.55 17.97
N LEU B 79 -23.00 22.64 19.15
CA LEU B 79 -24.19 21.85 19.43
C LEU B 79 -25.32 22.16 18.44
N LYS B 80 -25.41 23.42 18.02
CA LYS B 80 -26.41 23.81 17.03
C LYS B 80 -26.06 23.25 15.66
N ASP B 81 -24.81 23.41 15.23
CA ASP B 81 -24.39 22.97 13.91
C ASP B 81 -24.63 21.48 13.73
N LEU B 82 -24.16 20.67 14.69
CA LEU B 82 -24.31 19.23 14.62
C LEU B 82 -25.67 18.73 15.08
N SER B 83 -26.54 19.64 15.55
CA SER B 83 -27.90 19.30 15.96
C SER B 83 -27.90 18.28 17.11
N VAL B 84 -27.06 18.53 18.09
CA VAL B 84 -26.99 17.71 19.30
C VAL B 84 -28.05 18.21 20.28
N PRO B 85 -29.03 17.39 20.64
CA PRO B 85 -30.09 17.87 21.55
C PRO B 85 -29.59 18.00 22.98
N LEU B 86 -30.12 19.01 23.67
CA LEU B 86 -29.87 19.20 25.09
C LEU B 86 -31.09 18.74 25.87
N SER B 87 -30.86 17.95 26.91
CA SER B 87 -31.96 17.57 27.79
C SER B 87 -32.23 18.71 28.79
N TYR B 88 -33.29 18.55 29.56
CA TYR B 88 -33.59 19.52 30.61
C TYR B 88 -32.45 19.61 31.61
N HIS B 89 -31.89 18.46 32.00
CA HIS B 89 -30.79 18.45 32.95
C HIS B 89 -29.56 19.17 32.40
N GLN B 90 -29.19 18.86 31.15
CA GLN B 90 -28.03 19.50 30.54
C GLN B 90 -28.27 20.98 30.32
N ARG B 91 -29.50 21.36 29.95
CA ARG B 91 -29.83 22.77 29.76
C ARG B 91 -29.67 23.55 31.06
N LYS B 92 -30.23 23.03 32.15
CA LYS B 92 -30.09 23.72 33.43
C LYS B 92 -28.65 23.70 33.93
N TRP B 93 -27.90 22.64 33.63
CA TRP B 93 -26.48 22.62 33.96
C TRP B 93 -25.75 23.76 33.26
N ILE B 94 -25.99 23.92 31.96
CA ILE B 94 -25.36 25.00 31.21
C ILE B 94 -25.76 26.35 31.79
N LEU B 95 -27.03 26.50 32.16
CA LEU B 95 -27.45 27.77 32.76
C LEU B 95 -26.70 28.05 34.05
N ASP B 96 -26.60 27.04 34.93
CA ASP B 96 -25.99 27.24 36.25
C ASP B 96 -24.47 27.34 36.20
N ASN B 97 -23.83 26.83 35.14
CA ASN B 97 -22.38 26.85 35.05
C ASN B 97 -21.85 27.87 34.06
N ASP B 98 -22.23 27.76 32.79
CA ASP B 98 -21.80 28.71 31.77
C ASP B 98 -22.62 29.99 31.77
N ARG B 99 -23.68 30.07 32.59
CA ARG B 99 -24.51 31.27 32.71
C ARG B 99 -25.11 31.68 31.36
N LEU B 100 -25.84 30.75 30.75
CA LEU B 100 -26.50 30.98 29.48
C LEU B 100 -27.85 30.30 29.47
N ASP B 101 -28.89 31.07 29.14
CA ASP B 101 -30.23 30.54 28.94
C ASP B 101 -30.36 30.15 27.47
N VAL B 102 -30.51 28.86 27.20
CA VAL B 102 -30.50 28.34 25.85
C VAL B 102 -31.93 28.13 25.38
N ALA B 103 -32.30 28.82 24.30
CA ALA B 103 -33.57 28.61 23.63
C ALA B 103 -33.45 27.44 22.68
N LEU B 104 -34.20 26.38 22.97
CA LEU B 104 -34.18 25.12 22.23
C LEU B 104 -35.44 24.97 21.40
N SER B 105 -35.34 24.20 20.32
CA SER B 105 -36.51 23.88 19.52
C SER B 105 -37.31 22.78 20.21
N LEU B 106 -38.38 22.32 19.54
CA LEU B 106 -39.23 21.29 20.12
C LEU B 106 -38.45 20.00 20.35
N ASP B 107 -37.64 19.60 19.38
CA ASP B 107 -36.85 18.38 19.50
C ASP B 107 -35.69 18.51 20.48
N GLY B 108 -35.43 19.72 20.98
CA GLY B 108 -34.32 19.94 21.89
C GLY B 108 -33.07 20.49 21.26
N TYR B 109 -33.11 20.84 19.98
CA TYR B 109 -31.94 21.37 19.29
C TYR B 109 -31.67 22.80 19.71
N VAL B 110 -30.38 23.14 19.82
CA VAL B 110 -29.98 24.49 20.20
C VAL B 110 -30.36 25.46 19.08
N VAL B 111 -31.23 26.41 19.38
CA VAL B 111 -31.62 27.44 18.43
C VAL B 111 -30.92 28.75 18.71
N SER B 112 -30.92 29.21 19.97
CA SER B 112 -30.20 30.43 20.32
C SER B 112 -29.87 30.39 21.80
N TRP B 113 -29.23 31.47 22.29
CA TRP B 113 -28.92 31.57 23.70
C TRP B 113 -28.73 33.03 24.10
N ASP B 114 -29.02 33.30 25.38
CA ASP B 114 -28.87 34.63 25.97
C ASP B 114 -28.02 34.53 27.23
N ILE B 115 -27.44 35.67 27.61
CA ILE B 115 -26.57 35.74 28.79
C ILE B 115 -27.41 35.89 30.05
N VAL B 116 -26.99 35.21 31.11
CA VAL B 116 -27.62 35.20 32.44
C VAL B 116 -29.12 35.49 32.45
N SER C 1 13.53 6.71 -20.49
CA SER C 1 12.32 6.25 -19.82
C SER C 1 12.50 6.17 -18.32
N ASP C 2 11.39 6.07 -17.58
CA ASP C 2 11.41 5.97 -16.14
C ASP C 2 11.58 4.54 -15.64
N VAL C 3 11.88 3.59 -16.54
CA VAL C 3 12.02 2.20 -16.15
C VAL C 3 13.36 1.99 -15.45
N GLU C 4 13.33 1.20 -14.38
CA GLU C 4 14.52 0.86 -13.61
C GLU C 4 14.50 -0.65 -13.37
N ILE C 5 15.34 -1.37 -14.10
CA ILE C 5 15.45 -2.81 -13.96
C ILE C 5 16.58 -3.13 -13.00
N SER C 6 16.29 -3.89 -11.95
CA SER C 6 17.32 -4.24 -10.99
C SER C 6 18.28 -5.25 -11.60
N ASP C 7 19.55 -5.18 -11.18
CA ASP C 7 20.57 -6.07 -11.71
C ASP C 7 20.22 -7.53 -11.49
N SER C 8 19.51 -7.83 -10.39
CA SER C 8 19.05 -9.19 -10.14
C SER C 8 18.15 -9.69 -11.28
N PHE C 9 17.24 -8.83 -11.74
CA PHE C 9 16.38 -9.22 -12.85
C PHE C 9 17.16 -9.33 -14.16
N GLU C 10 18.20 -8.52 -14.35
CA GLU C 10 19.03 -8.67 -15.54
C GLU C 10 19.76 -10.01 -15.54
N LYS C 11 20.27 -10.42 -14.37
CA LYS C 11 20.89 -11.73 -14.27
C LYS C 11 19.87 -12.83 -14.53
N ALA C 12 18.65 -12.66 -14.04
CA ALA C 12 17.59 -13.63 -14.33
C ALA C 12 17.28 -13.69 -15.82
N MET C 13 17.29 -12.53 -16.50
CA MET C 13 17.02 -12.52 -17.94
C MET C 13 18.12 -13.24 -18.70
N TRP C 14 19.38 -13.04 -18.29
CA TRP C 14 20.48 -13.76 -18.93
C TRP C 14 20.38 -15.26 -18.69
N ASN C 15 20.00 -15.67 -17.47
CA ASN C 15 19.75 -17.08 -17.22
C ASN C 15 18.62 -17.61 -18.09
N HIS C 16 17.58 -16.80 -18.30
CA HIS C 16 16.45 -17.21 -19.12
C HIS C 16 16.86 -17.36 -20.58
N VAL C 17 17.80 -16.54 -21.04
CA VAL C 17 18.30 -16.67 -22.40
C VAL C 17 19.20 -17.91 -22.52
N SER C 18 20.03 -18.15 -21.51
CA SER C 18 20.97 -19.27 -21.57
C SER C 18 20.24 -20.61 -21.50
N GLN C 19 19.31 -20.75 -20.56
CA GLN C 19 18.62 -22.03 -20.41
C GLN C 19 17.76 -22.38 -21.62
N ASN C 20 17.34 -21.37 -22.38
CA ASN C 20 16.55 -21.60 -23.59
C ASN C 20 17.38 -21.44 -24.85
N ALA C 21 18.71 -21.56 -24.75
CA ALA C 21 19.57 -21.34 -25.91
C ALA C 21 19.24 -22.30 -27.05
N ALA C 22 19.02 -23.58 -26.72
CA ALA C 22 18.74 -24.59 -27.74
C ALA C 22 17.44 -24.33 -28.47
N ARG C 23 16.56 -23.48 -27.94
CA ARG C 23 15.25 -23.25 -28.52
C ARG C 23 15.01 -21.78 -28.85
N LEU C 24 16.07 -20.97 -28.90
CA LEU C 24 15.97 -19.53 -29.10
C LEU C 24 16.41 -19.17 -30.51
N THR C 25 15.45 -18.77 -31.35
CA THR C 25 15.78 -18.07 -32.58
C THR C 25 15.87 -16.58 -32.28
N GLY C 26 16.33 -15.81 -33.25
CA GLY C 26 16.41 -14.37 -33.06
C GLY C 26 15.03 -13.73 -32.96
N LYS C 27 14.15 -14.06 -33.90
CA LYS C 27 12.80 -13.52 -33.87
C LYS C 27 12.06 -13.91 -32.60
N PHE C 28 12.18 -15.17 -32.19
CA PHE C 28 11.53 -15.61 -30.97
C PHE C 28 12.14 -14.94 -29.74
N LEU C 29 13.45 -14.71 -29.77
CA LEU C 29 14.07 -13.93 -28.70
C LEU C 29 13.50 -12.51 -28.65
N MET C 30 13.11 -11.97 -29.80
CA MET C 30 12.52 -10.65 -29.86
C MET C 30 11.00 -10.66 -29.72
N THR C 31 10.40 -11.80 -29.37
CA THR C 31 8.96 -11.88 -29.15
C THR C 31 8.63 -11.63 -27.67
N GLU C 32 7.48 -10.99 -27.43
CA GLU C 32 7.04 -10.74 -26.07
C GLU C 32 6.65 -12.03 -25.35
N GLN C 33 6.31 -13.08 -26.11
CA GLN C 33 5.91 -14.35 -25.50
C GLN C 33 7.07 -15.00 -24.75
N PHE C 34 8.30 -14.81 -25.25
CA PHE C 34 9.46 -15.36 -24.56
C PHE C 34 9.68 -14.68 -23.21
N TRP C 35 9.56 -13.36 -23.17
CA TRP C 35 9.74 -12.65 -21.92
C TRP C 35 8.55 -12.79 -20.98
N ALA C 36 7.35 -13.03 -21.53
CA ALA C 36 6.21 -13.41 -20.69
C ALA C 36 6.41 -14.79 -20.10
N GLU C 37 7.04 -15.69 -20.86
CA GLU C 37 7.48 -16.97 -20.30
C GLU C 37 8.42 -16.74 -19.13
N LEU C 38 9.35 -15.79 -19.27
CA LEU C 38 10.21 -15.45 -18.14
C LEU C 38 9.41 -14.93 -16.96
N LEU C 39 8.48 -14.01 -17.21
CA LEU C 39 7.77 -13.34 -16.13
C LEU C 39 6.88 -14.30 -15.35
N GLN C 40 6.15 -15.17 -16.05
CA GLN C 40 5.26 -16.12 -15.39
C GLN C 40 6.02 -17.06 -14.45
N SER C 41 7.35 -17.15 -14.59
CA SER C 41 8.14 -17.98 -13.69
C SER C 41 8.36 -17.33 -12.34
N GLN C 42 8.32 -16.00 -12.27
CA GLN C 42 8.69 -15.28 -11.06
C GLN C 42 7.44 -14.86 -10.30
N PRO C 43 7.15 -15.47 -9.15
CA PRO C 43 6.17 -14.89 -8.24
C PRO C 43 6.78 -13.75 -7.45
N ASN C 44 5.92 -13.03 -6.73
CA ASN C 44 6.31 -11.85 -5.95
C ASN C 44 6.93 -10.78 -6.84
N ILE C 45 6.34 -10.56 -8.00
CA ILE C 45 6.69 -9.43 -8.85
C ILE C 45 5.46 -8.51 -8.92
N PRO C 46 5.52 -7.33 -8.30
CA PRO C 46 4.34 -6.45 -8.29
C PRO C 46 3.99 -5.88 -9.65
N ILE C 47 4.97 -5.77 -10.56
CA ILE C 47 4.76 -5.19 -11.89
C ILE C 47 5.41 -6.12 -12.90
N LYS C 48 4.60 -6.69 -13.80
CA LYS C 48 5.06 -7.62 -14.82
C LYS C 48 4.55 -7.17 -16.18
N SER C 49 5.45 -6.69 -17.02
CA SER C 49 5.11 -6.30 -18.39
C SER C 49 6.08 -6.96 -19.35
N ALA C 50 5.57 -7.79 -20.25
CA ALA C 50 6.44 -8.39 -21.27
C ALA C 50 7.05 -7.31 -22.16
N HIS C 51 6.29 -6.26 -22.45
CA HIS C 51 6.77 -5.21 -23.33
C HIS C 51 7.94 -4.46 -22.70
N ILE C 52 7.83 -4.11 -21.42
CA ILE C 52 8.91 -3.41 -20.74
C ILE C 52 10.18 -4.26 -20.70
N VAL C 53 10.02 -5.57 -20.51
CA VAL C 53 11.17 -6.46 -20.46
C VAL C 53 11.83 -6.57 -21.83
N LEU C 54 11.02 -6.75 -22.86
CA LEU C 54 11.53 -6.78 -24.23
C LEU C 54 12.26 -5.48 -24.58
N HIS C 55 11.70 -4.34 -24.19
CA HIS C 55 12.34 -3.06 -24.52
C HIS C 55 13.67 -2.93 -23.79
N HIS C 56 13.71 -3.30 -22.52
CA HIS C 56 14.96 -3.21 -21.77
C HIS C 56 16.01 -4.12 -22.37
N PHE C 57 15.64 -5.36 -22.71
CA PHE C 57 16.60 -6.28 -23.30
C PHE C 57 17.15 -5.73 -24.62
N ASN C 58 16.25 -5.23 -25.49
CA ASN C 58 16.69 -4.79 -26.80
C ASN C 58 17.52 -3.51 -26.73
N GLU C 59 17.30 -2.67 -25.72
CA GLU C 59 17.97 -1.38 -25.66
C GLU C 59 19.23 -1.37 -24.80
N MET C 60 19.36 -2.30 -23.85
CA MET C 60 20.50 -2.28 -22.95
C MET C 60 21.24 -3.62 -22.85
N MET C 61 20.69 -4.71 -23.38
CA MET C 61 21.28 -6.03 -23.20
C MET C 61 21.67 -6.72 -24.49
N LEU C 62 21.04 -6.38 -25.62
CA LEU C 62 21.41 -7.02 -26.89
C LEU C 62 22.84 -6.68 -27.29
N GLU C 63 23.29 -5.48 -26.93
CA GLU C 63 24.66 -5.06 -27.23
C GLU C 63 25.70 -5.84 -26.44
N ASN C 64 25.29 -6.56 -25.40
CA ASN C 64 26.22 -7.36 -24.60
C ASN C 64 25.99 -8.86 -24.78
N LEU C 65 25.23 -9.26 -25.80
CA LEU C 65 24.89 -10.66 -25.98
C LEU C 65 26.11 -11.52 -26.30
N TRP C 66 27.10 -10.92 -26.98
CA TRP C 66 28.25 -11.71 -27.42
C TRP C 66 29.05 -12.28 -26.26
N LYS C 67 29.22 -11.49 -25.19
CA LYS C 67 30.05 -11.90 -24.07
C LYS C 67 29.29 -12.72 -23.03
N GLN C 68 28.10 -13.19 -23.34
CA GLN C 68 27.29 -13.93 -22.39
C GLN C 68 27.64 -15.41 -22.40
N ALA C 69 27.72 -15.99 -21.22
CA ALA C 69 28.02 -17.41 -21.05
C ALA C 69 26.83 -18.27 -21.49
N MET C 70 26.76 -18.60 -22.78
CA MET C 70 25.72 -19.46 -23.31
C MET C 70 26.32 -20.37 -24.36
N ASP C 71 25.46 -21.17 -24.98
CA ASP C 71 25.88 -22.05 -26.07
C ASP C 71 26.38 -21.21 -27.23
N PRO C 72 27.62 -21.40 -27.68
CA PRO C 72 28.16 -20.50 -28.71
C PRO C 72 27.45 -20.61 -30.05
N ASP C 73 27.03 -21.82 -30.44
CA ASP C 73 26.29 -21.99 -31.68
C ASP C 73 25.02 -21.16 -31.67
N ALA C 74 24.22 -21.29 -30.60
CA ALA C 74 22.98 -20.53 -30.50
C ALA C 74 23.24 -19.04 -30.40
N LYS C 75 24.30 -18.65 -29.67
CA LYS C 75 24.65 -17.24 -29.56
C LYS C 75 24.94 -16.63 -30.92
N LEU C 76 25.80 -17.29 -31.71
CA LEU C 76 26.12 -16.77 -33.02
C LEU C 76 24.94 -16.84 -33.98
N GLN C 77 24.09 -17.87 -33.85
CA GLN C 77 22.91 -17.93 -34.70
C GLN C 77 21.97 -16.76 -34.40
N ILE C 78 21.82 -16.41 -33.13
CA ILE C 78 20.98 -15.27 -32.75
C ILE C 78 21.60 -13.97 -33.27
N LEU C 79 22.92 -13.81 -33.08
CA LEU C 79 23.61 -12.64 -33.60
C LEU C 79 23.44 -12.50 -35.11
N LYS C 80 23.41 -13.63 -35.83
CA LYS C 80 23.20 -13.58 -37.27
C LYS C 80 21.76 -13.23 -37.61
N ASP C 81 20.80 -13.84 -36.90
CA ASP C 81 19.39 -13.59 -37.17
C ASP C 81 19.06 -12.11 -37.02
N LEU C 82 19.42 -11.53 -35.88
CA LEU C 82 19.10 -10.13 -35.60
C LEU C 82 20.05 -9.15 -36.25
N SER C 83 21.06 -9.63 -36.97
CA SER C 83 22.02 -8.79 -37.69
C SER C 83 22.69 -7.79 -36.73
N VAL C 84 23.20 -8.33 -35.62
CA VAL C 84 23.94 -7.55 -34.65
C VAL C 84 25.41 -7.54 -35.08
N PRO C 85 25.99 -6.38 -35.40
CA PRO C 85 27.38 -6.36 -35.83
C PRO C 85 28.34 -6.68 -34.70
N LEU C 86 29.43 -7.35 -35.06
CA LEU C 86 30.52 -7.65 -34.13
C LEU C 86 31.70 -6.75 -34.45
N SER C 87 32.24 -6.11 -33.41
CA SER C 87 33.46 -5.36 -33.58
C SER C 87 34.64 -6.33 -33.61
N TYR C 88 35.84 -5.76 -33.82
CA TYR C 88 37.03 -6.60 -33.78
C TYR C 88 37.24 -7.20 -32.40
N HIS C 89 37.06 -6.41 -31.34
CA HIS C 89 37.27 -6.92 -29.98
C HIS C 89 36.29 -8.04 -29.66
N GLN C 90 35.03 -7.88 -30.04
CA GLN C 90 34.03 -8.91 -29.78
C GLN C 90 34.33 -10.17 -30.56
N ARG C 91 34.72 -10.03 -31.84
CA ARG C 91 35.15 -11.17 -32.63
C ARG C 91 36.30 -11.91 -31.97
N LYS C 92 37.34 -11.16 -31.56
CA LYS C 92 38.51 -11.78 -30.97
C LYS C 92 38.19 -12.42 -29.62
N TRP C 93 37.27 -11.83 -28.86
CA TRP C 93 36.86 -12.42 -27.59
C TRP C 93 36.12 -13.74 -27.83
N ILE C 94 35.22 -13.76 -28.81
CA ILE C 94 34.52 -15.00 -29.15
C ILE C 94 35.53 -16.06 -29.58
N LEU C 95 36.52 -15.67 -30.38
CA LEU C 95 37.57 -16.61 -30.78
C LEU C 95 38.30 -17.16 -29.57
N ASP C 96 38.73 -16.28 -28.66
CA ASP C 96 39.56 -16.70 -27.54
C ASP C 96 38.81 -17.50 -26.49
N ASN C 97 37.49 -17.30 -26.38
CA ASN C 97 36.71 -17.93 -25.31
C ASN C 97 35.84 -19.07 -25.83
N ASP C 98 34.98 -18.81 -26.81
CA ASP C 98 34.13 -19.86 -27.37
C ASP C 98 34.86 -20.71 -28.40
N ARG C 99 36.12 -20.39 -28.72
CA ARG C 99 36.92 -21.13 -29.69
C ARG C 99 36.20 -21.25 -31.03
N LEU C 100 35.81 -20.11 -31.59
CA LEU C 100 35.11 -20.06 -32.87
C LEU C 100 35.64 -18.91 -33.70
N ASP C 101 36.07 -19.21 -34.92
CA ASP C 101 36.43 -18.20 -35.91
C ASP C 101 35.15 -17.76 -36.63
N VAL C 102 34.81 -16.50 -36.52
CA VAL C 102 33.54 -15.99 -37.02
C VAL C 102 33.80 -15.19 -38.29
N ALA C 103 33.16 -15.59 -39.38
CA ALA C 103 33.24 -14.84 -40.63
C ALA C 103 32.22 -13.71 -40.59
N LEU C 104 32.68 -12.48 -40.72
CA LEU C 104 31.84 -11.30 -40.64
C LEU C 104 31.65 -10.69 -42.03
N SER C 105 30.48 -10.12 -42.24
CA SER C 105 30.18 -9.38 -43.46
C SER C 105 30.95 -8.05 -43.45
N LEU C 106 30.72 -7.24 -44.48
CA LEU C 106 31.34 -5.92 -44.53
C LEU C 106 30.84 -5.05 -43.39
N ASP C 107 29.52 -5.04 -43.18
CA ASP C 107 28.94 -4.29 -42.07
C ASP C 107 29.24 -4.90 -40.72
N GLY C 108 29.86 -6.07 -40.68
CA GLY C 108 30.18 -6.74 -39.44
C GLY C 108 29.22 -7.84 -39.03
N TYR C 109 28.24 -8.17 -39.87
CA TYR C 109 27.23 -9.15 -39.51
C TYR C 109 27.80 -10.57 -39.57
N VAL C 110 27.35 -11.40 -38.64
CA VAL C 110 27.80 -12.79 -38.61
C VAL C 110 27.21 -13.54 -39.80
N VAL C 111 28.08 -14.22 -40.53
CA VAL C 111 27.68 -15.01 -41.70
C VAL C 111 27.83 -16.51 -41.43
N SER C 112 28.95 -16.92 -40.86
CA SER C 112 29.19 -18.31 -40.50
C SER C 112 30.28 -18.35 -39.44
N TRP C 113 30.53 -19.55 -38.90
CA TRP C 113 31.58 -19.72 -37.92
C TRP C 113 32.18 -21.13 -38.05
N ASP C 114 33.45 -21.24 -37.68
CA ASP C 114 34.17 -22.51 -37.73
C ASP C 114 34.85 -22.77 -36.39
N ILE C 115 35.15 -24.05 -36.15
CA ILE C 115 35.67 -24.49 -34.86
C ILE C 115 37.14 -24.13 -34.74
N VAL C 116 37.54 -23.70 -33.53
CA VAL C 116 38.91 -23.34 -33.17
C VAL C 116 39.68 -22.68 -34.31
N SER D 1 -3.33 -3.39 -22.10
CA SER D 1 -1.94 -3.83 -22.20
C SER D 1 -1.74 -5.18 -21.53
N ASP D 2 -0.48 -5.58 -21.40
CA ASP D 2 -0.13 -6.89 -20.86
C ASP D 2 0.64 -6.73 -19.55
N VAL D 3 -0.03 -6.02 -18.65
CA VAL D 3 0.51 -5.68 -17.33
C VAL D 3 -0.28 -6.43 -16.27
N GLU D 4 0.44 -6.96 -15.30
CA GLU D 4 -0.11 -7.77 -14.21
C GLU D 4 0.37 -7.18 -12.91
N ILE D 5 -0.52 -6.49 -12.19
CA ILE D 5 -0.22 -5.90 -10.89
C ILE D 5 -0.68 -6.84 -9.80
N SER D 6 0.21 -7.15 -8.86
CA SER D 6 -0.16 -8.04 -7.77
C SER D 6 -1.09 -7.33 -6.78
N ASP D 7 -1.96 -8.12 -6.14
CA ASP D 7 -2.93 -7.56 -5.21
C ASP D 7 -2.25 -6.86 -4.04
N SER D 8 -1.14 -7.41 -3.57
CA SER D 8 -0.37 -6.75 -2.51
C SER D 8 0.11 -5.39 -2.96
N PHE D 9 0.49 -5.25 -4.23
CA PHE D 9 0.92 -3.94 -4.71
C PHE D 9 -0.26 -2.98 -4.84
N GLU D 10 -1.44 -3.48 -5.19
CA GLU D 10 -2.62 -2.63 -5.20
C GLU D 10 -2.94 -2.11 -3.81
N LYS D 11 -2.86 -2.98 -2.80
CA LYS D 11 -3.09 -2.54 -1.43
C LYS D 11 -2.02 -1.56 -0.97
N ALA D 12 -0.78 -1.76 -1.42
CA ALA D 12 0.27 -0.80 -1.09
C ALA D 12 0.01 0.56 -1.74
N MET D 13 -0.48 0.55 -2.99
CA MET D 13 -0.83 1.79 -3.67
C MET D 13 -1.96 2.51 -2.95
N TRP D 14 -2.98 1.76 -2.50
CA TRP D 14 -4.07 2.36 -1.75
C TRP D 14 -3.57 2.93 -0.42
N ASN D 15 -2.68 2.21 0.26
CA ASN D 15 -2.08 2.74 1.48
C ASN D 15 -1.33 4.03 1.21
N HIS D 16 -0.54 4.06 0.14
CA HIS D 16 0.16 5.27 -0.26
C HIS D 16 -0.81 6.42 -0.51
N VAL D 17 -1.98 6.12 -1.08
CA VAL D 17 -2.99 7.15 -1.31
C VAL D 17 -3.56 7.66 0.01
N SER D 18 -3.83 6.75 0.93
CA SER D 18 -4.43 7.13 2.21
C SER D 18 -3.47 7.98 3.04
N GLN D 19 -2.22 7.53 3.16
CA GLN D 19 -1.27 8.21 4.03
C GLN D 19 -0.97 9.63 3.59
N ASN D 20 -1.28 10.00 2.34
CA ASN D 20 -1.04 11.33 1.82
C ASN D 20 -2.33 12.06 1.49
N ALA D 21 -3.46 11.62 2.05
CA ALA D 21 -4.75 12.21 1.73
C ALA D 21 -4.78 13.71 2.01
N ALA D 22 -4.05 14.16 3.04
CA ALA D 22 -4.03 15.57 3.39
C ALA D 22 -3.34 16.41 2.33
N ARG D 23 -2.44 15.83 1.55
CA ARG D 23 -1.65 16.57 0.57
C ARG D 23 -1.97 16.17 -0.86
N LEU D 24 -3.09 15.49 -1.09
CA LEU D 24 -3.41 14.89 -2.38
C LEU D 24 -4.52 15.68 -3.06
N THR D 25 -4.16 16.44 -4.10
CA THR D 25 -5.15 16.98 -5.02
C THR D 25 -5.45 15.94 -6.10
N GLY D 26 -6.49 16.19 -6.88
CA GLY D 26 -6.80 15.30 -7.98
C GLY D 26 -5.70 15.28 -9.02
N LYS D 27 -5.17 16.45 -9.36
CA LYS D 27 -4.10 16.54 -10.34
C LYS D 27 -2.83 15.85 -9.84
N PHE D 28 -2.44 16.10 -8.58
CA PHE D 28 -1.24 15.50 -8.04
C PHE D 28 -1.34 13.98 -7.93
N LEU D 29 -2.54 13.47 -7.67
CA LEU D 29 -2.73 12.02 -7.66
C LEU D 29 -2.48 11.42 -9.04
N MET D 30 -2.65 12.22 -10.08
CA MET D 30 -2.42 11.80 -11.46
C MET D 30 -1.04 12.21 -11.97
N THR D 31 -0.11 12.52 -11.07
CA THR D 31 1.25 12.80 -11.48
C THR D 31 2.11 11.55 -11.31
N GLU D 32 3.11 11.42 -12.19
CA GLU D 32 4.04 10.30 -12.06
C GLU D 32 4.92 10.45 -10.84
N GLN D 33 5.20 11.68 -10.41
CA GLN D 33 6.09 11.91 -9.28
C GLN D 33 5.49 11.38 -7.99
N PHE D 34 4.18 11.47 -7.84
CA PHE D 34 3.55 10.98 -6.62
C PHE D 34 3.73 9.48 -6.47
N TRP D 35 3.56 8.73 -7.55
CA TRP D 35 3.79 7.29 -7.51
C TRP D 35 5.28 6.96 -7.49
N ALA D 36 6.12 7.83 -8.06
CA ALA D 36 7.56 7.63 -7.96
C ALA D 36 8.02 7.74 -6.52
N GLU D 37 7.33 8.54 -5.72
CA GLU D 37 7.57 8.54 -4.27
C GLU D 37 7.37 7.15 -3.68
N LEU D 38 6.25 6.49 -4.03
CA LEU D 38 5.99 5.15 -3.53
C LEU D 38 7.02 4.14 -4.05
N LEU D 39 7.41 4.28 -5.32
CA LEU D 39 8.40 3.38 -5.90
C LEU D 39 9.75 3.53 -5.21
N GLN D 40 10.23 4.76 -5.08
CA GLN D 40 11.50 5.02 -4.39
C GLN D 40 11.44 4.63 -2.92
N SER D 41 10.25 4.64 -2.32
CA SER D 41 10.13 4.22 -0.93
C SER D 41 10.39 2.73 -0.76
N GLN D 42 9.94 1.91 -1.70
CA GLN D 42 10.07 0.47 -1.56
C GLN D 42 11.18 -0.04 -2.45
N PRO D 43 12.34 -0.42 -1.91
CA PRO D 43 13.41 -0.94 -2.76
C PRO D 43 13.19 -2.42 -3.08
N ASN D 44 14.13 -2.97 -3.85
CA ASN D 44 14.13 -4.37 -4.22
C ASN D 44 12.92 -4.75 -5.07
N ILE D 45 12.56 -3.87 -6.00
CA ILE D 45 11.52 -4.14 -6.98
C ILE D 45 12.20 -4.28 -8.34
N PRO D 46 12.08 -5.43 -9.02
CA PRO D 46 12.85 -5.61 -10.26
C PRO D 46 12.45 -4.68 -11.38
N ILE D 47 11.20 -4.22 -11.41
CA ILE D 47 10.70 -3.34 -12.47
C ILE D 47 9.98 -2.18 -11.81
N LYS D 48 10.53 -0.97 -11.97
CA LYS D 48 9.97 0.24 -11.38
C LYS D 48 9.68 1.22 -12.51
N SER D 49 8.39 1.46 -12.79
CA SER D 49 7.98 2.47 -13.76
C SER D 49 6.76 3.19 -13.20
N ALA D 50 6.92 4.49 -12.93
CA ALA D 50 5.77 5.28 -12.48
C ALA D 50 4.71 5.39 -13.56
N HIS D 51 5.14 5.42 -14.83
CA HIS D 51 4.19 5.48 -15.94
C HIS D 51 3.20 4.31 -15.88
N ILE D 52 3.73 3.09 -15.72
CA ILE D 52 2.87 1.91 -15.65
C ILE D 52 1.98 1.97 -14.42
N VAL D 53 2.51 2.46 -13.29
CA VAL D 53 1.72 2.53 -12.06
C VAL D 53 0.54 3.47 -12.25
N LEU D 54 0.78 4.63 -12.85
CA LEU D 54 -0.29 5.58 -13.10
C LEU D 54 -1.32 5.01 -14.08
N HIS D 55 -0.83 4.35 -15.14
CA HIS D 55 -1.72 3.63 -16.04
C HIS D 55 -2.67 2.72 -15.27
N HIS D 56 -2.11 1.86 -14.41
CA HIS D 56 -2.92 0.87 -13.73
C HIS D 56 -3.90 1.53 -12.77
N PHE D 57 -3.45 2.57 -12.06
CA PHE D 57 -4.35 3.26 -11.14
C PHE D 57 -5.53 3.87 -11.90
N ASN D 58 -5.25 4.54 -13.01
CA ASN D 58 -6.34 5.18 -13.75
C ASN D 58 -7.26 4.17 -14.41
N GLU D 59 -6.74 3.00 -14.83
CA GLU D 59 -7.53 2.06 -15.59
C GLU D 59 -8.28 1.04 -14.75
N MET D 60 -7.77 0.68 -13.57
CA MET D 60 -8.39 -0.35 -12.75
C MET D 60 -8.71 0.07 -11.33
N MET D 61 -8.28 1.25 -10.87
CA MET D 61 -8.41 1.63 -9.48
C MET D 61 -9.19 2.91 -9.25
N LEU D 62 -9.23 3.83 -10.22
CA LEU D 62 -10.01 5.04 -10.05
C LEU D 62 -11.51 4.74 -9.95
N GLU D 63 -11.95 3.64 -10.56
CA GLU D 63 -13.36 3.27 -10.48
C GLU D 63 -13.74 2.86 -9.06
N ASN D 64 -12.77 2.42 -8.26
CA ASN D 64 -13.02 1.89 -6.93
C ASN D 64 -12.64 2.87 -5.83
N LEU D 65 -12.40 4.13 -6.18
CA LEU D 65 -11.93 5.11 -5.20
C LEU D 65 -12.94 5.31 -4.08
N TRP D 66 -14.23 5.34 -4.41
CA TRP D 66 -15.24 5.78 -3.46
C TRP D 66 -15.28 4.90 -2.21
N LYS D 67 -15.15 3.59 -2.38
CA LYS D 67 -15.25 2.65 -1.26
C LYS D 67 -13.93 2.47 -0.53
N GLN D 68 -12.97 3.37 -0.73
CA GLN D 68 -11.63 3.22 -0.16
C GLN D 68 -11.55 3.84 1.23
N ALA D 69 -10.99 3.08 2.17
CA ALA D 69 -10.84 3.51 3.56
C ALA D 69 -9.80 4.62 3.64
N MET D 70 -10.22 5.84 3.30
CA MET D 70 -9.36 7.00 3.44
C MET D 70 -10.18 8.15 4.03
N ASP D 71 -9.53 9.29 4.20
CA ASP D 71 -10.18 10.51 4.67
C ASP D 71 -11.33 10.88 3.74
N PRO D 72 -12.57 10.96 4.23
CA PRO D 72 -13.70 11.19 3.31
C PRO D 72 -13.63 12.52 2.58
N ASP D 73 -13.17 13.58 3.25
CA ASP D 73 -13.08 14.89 2.61
C ASP D 73 -12.15 14.85 1.40
N ALA D 74 -10.94 14.33 1.60
CA ALA D 74 -9.99 14.22 0.48
C ALA D 74 -10.56 13.33 -0.62
N LYS D 75 -11.18 12.22 -0.25
CA LYS D 75 -11.74 11.31 -1.25
C LYS D 75 -12.77 12.02 -2.13
N LEU D 76 -13.72 12.70 -1.51
CA LEU D 76 -14.76 13.39 -2.28
C LEU D 76 -14.18 14.54 -3.08
N GLN D 77 -13.20 15.26 -2.52
CA GLN D 77 -12.57 16.34 -3.27
C GLN D 77 -11.88 15.80 -4.52
N ILE D 78 -11.20 14.66 -4.39
CA ILE D 78 -10.52 14.06 -5.52
C ILE D 78 -11.54 13.60 -6.56
N LEU D 79 -12.60 12.92 -6.12
CA LEU D 79 -13.67 12.53 -7.03
C LEU D 79 -14.26 13.74 -7.75
N LYS D 80 -14.31 14.89 -7.08
CA LYS D 80 -14.83 16.10 -7.72
C LYS D 80 -13.85 16.63 -8.76
N ASP D 81 -12.56 16.68 -8.41
CA ASP D 81 -11.56 17.21 -9.33
C ASP D 81 -11.51 16.38 -10.62
N LEU D 82 -11.57 15.07 -10.49
CA LEU D 82 -11.43 14.15 -11.61
C LEU D 82 -12.76 13.83 -12.28
N SER D 83 -13.86 14.40 -11.81
CA SER D 83 -15.19 14.19 -12.37
C SER D 83 -15.50 12.71 -12.51
N VAL D 84 -15.29 11.98 -11.42
CA VAL D 84 -15.68 10.58 -11.33
C VAL D 84 -17.11 10.54 -10.79
N PRO D 85 -18.08 10.04 -11.55
CA PRO D 85 -19.47 10.05 -11.08
C PRO D 85 -19.71 9.02 -10.00
N LEU D 86 -20.60 9.37 -9.07
CA LEU D 86 -21.07 8.46 -8.04
C LEU D 86 -22.46 7.96 -8.40
N SER D 87 -22.64 6.65 -8.35
CA SER D 87 -23.97 6.11 -8.51
C SER D 87 -24.75 6.25 -7.21
N TYR D 88 -26.05 5.92 -7.28
CA TYR D 88 -26.87 5.93 -6.08
C TYR D 88 -26.35 4.95 -5.03
N HIS D 89 -25.90 3.77 -5.48
CA HIS D 89 -25.34 2.79 -4.57
C HIS D 89 -24.08 3.32 -3.89
N GLN D 90 -23.18 3.92 -4.65
CA GLN D 90 -21.95 4.47 -4.07
C GLN D 90 -22.27 5.64 -3.15
N ARG D 91 -23.26 6.45 -3.53
CA ARG D 91 -23.71 7.56 -2.68
C ARG D 91 -24.18 7.04 -1.32
N LYS D 92 -25.03 6.01 -1.33
CA LYS D 92 -25.54 5.48 -0.07
C LYS D 92 -24.44 4.77 0.71
N TRP D 93 -23.47 4.16 0.04
CA TRP D 93 -22.35 3.56 0.75
C TRP D 93 -21.55 4.62 1.48
N ILE D 94 -21.25 5.73 0.79
CA ILE D 94 -20.52 6.83 1.41
C ILE D 94 -21.30 7.38 2.59
N LEU D 95 -22.63 7.47 2.45
CA LEU D 95 -23.44 7.92 3.57
C LEU D 95 -23.32 6.96 4.75
N ASP D 96 -23.46 5.66 4.50
CA ASP D 96 -23.52 4.67 5.58
C ASP D 96 -22.16 4.43 6.22
N ASN D 97 -21.07 4.79 5.56
CA ASN D 97 -19.74 4.51 6.10
C ASN D 97 -18.96 5.76 6.45
N ASP D 98 -18.83 6.72 5.53
CA ASP D 98 -18.14 7.95 5.85
C ASP D 98 -19.05 8.99 6.50
N ARG D 99 -20.34 8.69 6.64
CA ARG D 99 -21.30 9.59 7.30
C ARG D 99 -21.37 10.94 6.61
N LEU D 100 -21.53 10.92 5.28
CA LEU D 100 -21.57 12.14 4.49
C LEU D 100 -22.67 12.05 3.44
N ASP D 101 -23.61 12.99 3.51
CA ASP D 101 -24.63 13.15 2.47
C ASP D 101 -24.04 13.97 1.34
N VAL D 102 -23.89 13.36 0.17
CA VAL D 102 -23.14 13.94 -0.94
C VAL D 102 -24.12 14.50 -1.96
N ALA D 103 -24.06 15.82 -2.14
CA ALA D 103 -24.83 16.51 -3.18
C ALA D 103 -24.12 16.32 -4.52
N LEU D 104 -24.79 15.61 -5.43
CA LEU D 104 -24.28 15.26 -6.74
C LEU D 104 -24.98 16.05 -7.83
N SER D 105 -24.27 16.27 -8.94
CA SER D 105 -24.86 16.93 -10.10
C SER D 105 -25.83 15.98 -10.80
N LEU D 106 -26.39 16.45 -11.91
CA LEU D 106 -27.28 15.60 -12.70
C LEU D 106 -26.54 14.39 -13.23
N ASP D 107 -25.35 14.60 -13.80
CA ASP D 107 -24.54 13.50 -14.31
C ASP D 107 -24.01 12.61 -13.19
N GLY D 108 -24.18 12.99 -11.93
CA GLY D 108 -23.67 12.22 -10.82
C GLY D 108 -22.33 12.66 -10.29
N TYR D 109 -21.82 13.81 -10.73
CA TYR D 109 -20.54 14.32 -10.26
C TYR D 109 -20.67 14.89 -8.87
N VAL D 110 -19.65 14.63 -8.04
CA VAL D 110 -19.61 15.18 -6.69
C VAL D 110 -19.54 16.70 -6.77
N VAL D 111 -20.54 17.37 -6.19
CA VAL D 111 -20.60 18.82 -6.12
C VAL D 111 -20.27 19.33 -4.72
N SER D 112 -20.90 18.75 -3.70
CA SER D 112 -20.58 19.13 -2.33
C SER D 112 -20.99 17.99 -1.41
N TRP D 113 -20.75 18.17 -0.11
CA TRP D 113 -21.15 17.16 0.85
C TRP D 113 -21.35 17.79 2.23
N ASP D 114 -22.27 17.20 2.99
CA ASP D 114 -22.58 17.61 4.35
C ASP D 114 -22.42 16.42 5.29
N ILE D 115 -22.22 16.71 6.58
CA ILE D 115 -21.97 15.67 7.57
C ILE D 115 -23.29 15.10 8.07
N VAL D 116 -23.32 13.78 8.23
CA VAL D 116 -24.48 13.03 8.73
C VAL D 116 -25.79 13.49 8.08
CO CO E . -11.55 -4.93 8.01
CO CO F . -14.86 3.27 10.12
CO CO G . 6.34 0.06 -25.79
CO CO H . 2.00 4.29 -21.71
#